data_8FOF
# 
_entry.id   8FOF 
# 
_audit_conform.dict_name       mmcif_pdbx.dic 
_audit_conform.dict_version    5.403 
_audit_conform.dict_location   http://mmcif.pdb.org/dictionaries/ascii/mmcif_pdbx.dic 
# 
loop_
_database_2.database_id 
_database_2.database_code 
_database_2.pdbx_database_accession 
_database_2.pdbx_DOI 
PDB   8FOF         pdb_00008fof 10.2210/pdb8fof/pdb 
WWPDB D_1000271094 ?            ?                   
EMDB  EMD-29348    ?            ?                   
# 
loop_
_pdbx_audit_revision_history.ordinal 
_pdbx_audit_revision_history.data_content_type 
_pdbx_audit_revision_history.major_revision 
_pdbx_audit_revision_history.minor_revision 
_pdbx_audit_revision_history.revision_date 
_pdbx_audit_revision_history.part_number 
1  'Structure model' 1 0 2023-05-31 ? 
2  'EM metadata'     1 0 2023-05-31 ? 
3  'Half map'        1 0 2023-05-31 1 
4  'Half map'        1 0 2023-05-31 2 
5  Image             1 0 2023-05-31 ? 
6  'Primary map'     1 0 2023-05-31 ? 
7  'Structure model' 1 1 2023-06-07 ? 
8  'Half map'        1 0 2023-05-31 1 
9  'Half map'        1 0 2023-05-31 2 
10 Image             1 0 2023-05-31 ? 
11 'Primary map'     1 0 2023-05-31 ? 
12 'Structure model' 1 2 2023-09-27 ? 
13 'Half map'        1 0 2023-05-31 1 
14 'Half map'        1 0 2023-05-31 2 
15 Image             1 0 2023-05-31 ? 
16 'Primary map'     1 0 2023-05-31 ? 
17 'Structure model' 1 3 2024-11-06 ? 
18 'Half map'        1 0 2023-05-31 1 
19 'Half map'        1 0 2023-05-31 2 
20 Image             1 0 2023-05-31 ? 
21 'Primary map'     1 0 2023-05-31 ? 
22 'Structure model' 1 4 2025-05-21 ? 
23 'EM metadata'     1 1 2025-05-21 ? 
# 
loop_
_pdbx_audit_revision_details.ordinal 
_pdbx_audit_revision_details.revision_ordinal 
_pdbx_audit_revision_details.data_content_type 
_pdbx_audit_revision_details.provider 
_pdbx_audit_revision_details.type 
_pdbx_audit_revision_details.description 
_pdbx_audit_revision_details.details 
1  1  'Structure model' repository 'Initial release' ? ? 
2  2  'EM metadata'     repository 'Initial release' ? ? 
3  3  'Half map'        repository 'Initial release' ? ? 
4  4  'Half map'        repository 'Initial release' ? ? 
5  5  Image             repository 'Initial release' ? ? 
6  6  'Primary map'     repository 'Initial release' ? ? 
7  8  'Half map'        repository 'Initial release' ? ? 
8  9  'Half map'        repository 'Initial release' ? ? 
9  10 Image             repository 'Initial release' ? ? 
10 11 'Primary map'     repository 'Initial release' ? ? 
11 13 'Half map'        repository 'Initial release' ? ? 
12 14 'Half map'        repository 'Initial release' ? ? 
13 15 Image             repository 'Initial release' ? ? 
14 16 'Primary map'     repository 'Initial release' ? ? 
15 18 'Half map'        repository 'Initial release' ? ? 
16 19 'Half map'        repository 'Initial release' ? ? 
17 20 Image             repository 'Initial release' ? ? 
18 21 'Primary map'     repository 'Initial release' ? ? 
# 
loop_
_pdbx_audit_revision_group.ordinal 
_pdbx_audit_revision_group.revision_ordinal 
_pdbx_audit_revision_group.data_content_type 
_pdbx_audit_revision_group.group 
1 7  'Structure model' 'Database references'  
2 12 'Structure model' 'Data collection'      
3 12 'Structure model' 'Database references'  
4 17 'Structure model' 'Data collection'      
5 17 'Structure model' 'Structure summary'    
6 22 'Structure model' 'Data collection'      
7 23 'EM metadata'     'Data processing'      
8 23 'EM metadata'     'Experimental summary' 
# 
loop_
_pdbx_audit_revision_category.ordinal 
_pdbx_audit_revision_category.revision_ordinal 
_pdbx_audit_revision_category.data_content_type 
_pdbx_audit_revision_category.category 
1  7  'Structure model' citation                  
2  12 'Structure model' chem_comp_atom            
3  12 'Structure model' chem_comp_bond            
4  12 'Structure model' citation                  
5  17 'Structure model' em_admin                  
6  17 'Structure model' pdbx_entry_details        
7  17 'Structure model' pdbx_modification_feature 
8  22 'Structure model' em_admin                  
9  22 'Structure model' em_software               
10 23 'EM metadata'     em_admin                  
11 23 'EM metadata'     em_software               
# 
loop_
_pdbx_audit_revision_item.ordinal 
_pdbx_audit_revision_item.revision_ordinal 
_pdbx_audit_revision_item.data_content_type 
_pdbx_audit_revision_item.item 
1  7  'Structure model' '_citation.pdbx_database_id_PubMed'            
2  7  'Structure model' '_citation.title'                              
3  12 'Structure model' '_citation.journal_volume'                     
4  12 'Structure model' '_citation.page_first'                         
5  12 'Structure model' '_citation.page_last'                          
6  17 'Structure model' '_em_admin.last_update'                        
7  17 'Structure model' '_pdbx_entry_details.has_protein_modification' 
8  22 'Structure model' '_em_admin.last_update'                        
9  22 'Structure model' '_em_software.name'                            
10 23 'EM metadata'     '_em_admin.last_update'                        
11 23 'EM metadata'     '_em_software.name'                            
# 
_pdbx_database_status.status_code                     REL 
_pdbx_database_status.status_code_sf                  ? 
_pdbx_database_status.status_code_mr                  ? 
_pdbx_database_status.entry_id                        8FOF 
_pdbx_database_status.recvd_initial_deposition_date   2022-12-30 
_pdbx_database_status.SG_entry                        N 
_pdbx_database_status.deposit_site                    RCSB 
_pdbx_database_status.process_site                    RCSB 
_pdbx_database_status.status_code_cs                  ? 
_pdbx_database_status.status_code_nmr_data            ? 
_pdbx_database_status.methods_development_category    ? 
_pdbx_database_status.pdb_format_compatible           Y 
# 
_pdbx_database_related.db_name        EMDB 
_pdbx_database_related.details        'Cryo-EM of BP-ffsy filaments' 
_pdbx_database_related.db_id          EMD-29348 
_pdbx_database_related.content_type   'associated EM volume' 
# 
_pdbx_contact_author.id                 2 
_pdbx_contact_author.email              fw2@uab.edu 
_pdbx_contact_author.name_first         Fengbin 
_pdbx_contact_author.name_last          Wang 
_pdbx_contact_author.name_mi            ? 
_pdbx_contact_author.role               'principal investigator/group leader' 
_pdbx_contact_author.identifier_ORCID   0000-0003-1008-663X 
# 
loop_
_audit_author.name 
_audit_author.pdbx_ordinal 
_audit_author.identifier_ORCID 
'Wang, F.'      1 0000-0003-1008-663X 
'Guo, J.'       2 ?                   
'Egelman, E.H.' 3 ?                   
'Xu, B.'        4 ?                   
# 
_citation.abstract                  ? 
_citation.abstract_id_CAS           ? 
_citation.book_id_ISBN              ? 
_citation.book_publisher            ? 
_citation.book_publisher_city       ? 
_citation.book_title                ? 
_citation.coordinate_linkage        ? 
_citation.country                   UK 
_citation.database_id_Medline       ? 
_citation.details                   ? 
_citation.id                        primary 
_citation.journal_abbrev            'Nat Nanotechnol' 
_citation.journal_id_ASTM           ? 
_citation.journal_id_CSD            ? 
_citation.journal_id_ISSN           1748-3395 
_citation.journal_full              ? 
_citation.journal_issue             ? 
_citation.journal_volume            18 
_citation.language                  ? 
_citation.page_first                1094 
_citation.page_last                 1104 
_citation.title                     'Cell spheroid creation by transcytotic intercellular gelation.' 
_citation.year                      2023 
_citation.database_id_CSD           ? 
_citation.pdbx_database_id_DOI      10.1038/s41565-023-01401-7 
_citation.pdbx_database_id_PubMed   37217766 
_citation.pdbx_database_id_patent   ? 
_citation.unpublished_flag          ? 
# 
loop_
_citation_author.citation_id 
_citation_author.name 
_citation_author.ordinal 
_citation_author.identifier_ORCID 
primary 'Guo, J.'       1 ? 
primary 'Wang, F.'      2 ? 
primary 'Huang, Y.'     3 ? 
primary 'He, H.'        4 ? 
primary 'Tan, W.'       5 ? 
primary 'Yi, M.'        6 ? 
primary 'Egelman, E.H.' 7 ? 
primary 'Xu, B.'        8 ? 
# 
_entity.id                         1 
_entity.type                       polymer 
_entity.src_method                 syn 
_entity.pdbx_description           BP-ffsy 
_entity.formula_weight             742.816 
_entity.pdbx_number_of_molecules   1 
_entity.pdbx_ec                    ? 
_entity.pdbx_mutation              ? 
_entity.pdbx_fragment              ? 
_entity.details                    ? 
# 
_entity_poly.entity_id                      1 
_entity_poly.type                           'polypeptide(D)' 
_entity_poly.nstd_linkage                   no 
_entity_poly.nstd_monomer                   yes 
_entity_poly.pdbx_seq_one_letter_code       '(Z7Z)(DPN)(DPN)(DSN)(DTY)' 
_entity_poly.pdbx_seq_one_letter_code_can   XFFSY 
_entity_poly.pdbx_strand_id                 A 
_entity_poly.pdbx_target_identifier         ? 
# 
loop_
_entity_poly_seq.entity_id 
_entity_poly_seq.num 
_entity_poly_seq.mon_id 
_entity_poly_seq.hetero 
1 1 Z7Z n 
1 2 DPN n 
1 3 DPN n 
1 4 DSN n 
1 5 DTY n 
# 
_pdbx_entity_src_syn.entity_id              1 
_pdbx_entity_src_syn.pdbx_src_id            1 
_pdbx_entity_src_syn.pdbx_alt_source_flag   sample 
_pdbx_entity_src_syn.pdbx_beg_seq_num       1 
_pdbx_entity_src_syn.pdbx_end_seq_num       5 
_pdbx_entity_src_syn.organism_scientific    'synthetic construct' 
_pdbx_entity_src_syn.organism_common_name   ? 
_pdbx_entity_src_syn.ncbi_taxonomy_id       32630 
_pdbx_entity_src_syn.details                ? 
# 
loop_
_chem_comp.id 
_chem_comp.type 
_chem_comp.mon_nstd_flag 
_chem_comp.name 
_chem_comp.pdbx_synonyms 
_chem_comp.formula 
_chem_comp.formula_weight 
DPN 'D-peptide linking' . D-PHENYLALANINE              ? 'C9 H11 N O2' 165.189 
DSN 'D-peptide linking' . D-SERINE                     ? 'C3 H7 N O3'  105.093 
DTY 'D-peptide linking' . D-TYROSINE                   ? 'C9 H11 N O3' 181.189 
Z7Z non-polymer         . 'biphenyl-4-carboxylic acid' ? 'C13 H10 O2'  198.217 
# 
loop_
_pdbx_poly_seq_scheme.asym_id 
_pdbx_poly_seq_scheme.entity_id 
_pdbx_poly_seq_scheme.seq_id 
_pdbx_poly_seq_scheme.mon_id 
_pdbx_poly_seq_scheme.ndb_seq_num 
_pdbx_poly_seq_scheme.pdb_seq_num 
_pdbx_poly_seq_scheme.auth_seq_num 
_pdbx_poly_seq_scheme.pdb_mon_id 
_pdbx_poly_seq_scheme.auth_mon_id 
_pdbx_poly_seq_scheme.pdb_strand_id 
_pdbx_poly_seq_scheme.pdb_ins_code 
_pdbx_poly_seq_scheme.hetero 
A 1 1 Z7Z 1 1 1 Z7Z XB5 A . n 
A 1 2 DPN 2 2 2 DPN DPN A . n 
A 1 3 DPN 3 3 3 DPN DPN A . n 
A 1 4 DSN 4 4 4 DSN DSN A . n 
A 1 5 DTY 5 5 5 DTY DTY A . n 
# 
_software.citation_id            ? 
_software.classification         refinement 
_software.compiler_name          ? 
_software.compiler_version       ? 
_software.contact_author         ? 
_software.contact_author_email   ? 
_software.date                   ? 
_software.description            ? 
_software.dependencies           ? 
_software.hardware               ? 
_software.language               ? 
_software.location               ? 
_software.mods                   ? 
_software.name                   PHENIX 
_software.os                     ? 
_software.os_version             ? 
_software.type                   ? 
_software.version                1.18.2_3874: 
_software.pdbx_ordinal           1 
# 
_exptl.absorpt_coefficient_mu     ? 
_exptl.absorpt_correction_T_max   ? 
_exptl.absorpt_correction_T_min   ? 
_exptl.absorpt_correction_type    ? 
_exptl.absorpt_process_details    ? 
_exptl.entry_id                   8FOF 
_exptl.crystals_number            ? 
_exptl.details                    ? 
_exptl.method                     'ELECTRON MICROSCOPY' 
_exptl.method_details             ? 
# 
_refine.pdbx_refine_id                           'ELECTRON MICROSCOPY' 
_refine.entry_id                                 8FOF 
_refine.pdbx_diffrn_id                           ? 
_refine.pdbx_TLS_residual_ADP_flag               ? 
_refine.ls_number_reflns_obs                     ? 
_refine.ls_number_reflns_all                     ? 
_refine.pdbx_ls_sigma_I                          ? 
_refine.pdbx_ls_sigma_F                          ? 
_refine.pdbx_data_cutoff_high_absF               ? 
_refine.pdbx_data_cutoff_low_absF                ? 
_refine.pdbx_data_cutoff_high_rms_absF           ? 
_refine.ls_d_res_low                             ? 
_refine.ls_d_res_high                            . 
_refine.ls_percent_reflns_obs                    ? 
_refine.ls_R_factor_obs                          ? 
_refine.ls_R_factor_all                          ? 
_refine.ls_R_factor_R_work                       ? 
_refine.ls_R_factor_R_free                       ? 
_refine.ls_R_factor_R_free_error                 ? 
_refine.ls_R_factor_R_free_error_details         ? 
_refine.ls_percent_reflns_R_free                 ? 
_refine.ls_number_reflns_R_free                  ? 
_refine.ls_number_parameters                     ? 
_refine.ls_number_restraints                     ? 
_refine.occupancy_min                            ? 
_refine.occupancy_max                            ? 
_refine.correlation_coeff_Fo_to_Fc               ? 
_refine.correlation_coeff_Fo_to_Fc_free          ? 
_refine.B_iso_mean                               ? 
_refine.aniso_B[1][1]                            ? 
_refine.aniso_B[2][2]                            ? 
_refine.aniso_B[3][3]                            ? 
_refine.aniso_B[1][2]                            ? 
_refine.aniso_B[1][3]                            ? 
_refine.aniso_B[2][3]                            ? 
_refine.solvent_model_details                    ? 
_refine.solvent_model_param_ksol                 ? 
_refine.solvent_model_param_bsol                 ? 
_refine.pdbx_solvent_vdw_probe_radii             ? 
_refine.pdbx_solvent_ion_probe_radii             ? 
_refine.pdbx_solvent_shrinkage_radii             ? 
_refine.pdbx_ls_cross_valid_method               ? 
_refine.details                                  ? 
_refine.pdbx_starting_model                      ? 
_refine.pdbx_method_to_determine_struct          ? 
_refine.pdbx_isotropic_thermal_model             ? 
_refine.pdbx_stereochemistry_target_values       ? 
_refine.pdbx_stereochem_target_val_spec_case     ? 
_refine.pdbx_R_Free_selection_details            ? 
_refine.pdbx_overall_ESU_R                       ? 
_refine.pdbx_overall_ESU_R_Free                  ? 
_refine.overall_SU_ML                            ? 
_refine.pdbx_overall_phase_error                 ? 
_refine.overall_SU_B                             ? 
_refine.overall_SU_R_Cruickshank_DPI             ? 
_refine.pdbx_overall_SU_R_free_Cruickshank_DPI   ? 
_refine.pdbx_overall_SU_R_Blow_DPI               ? 
_refine.pdbx_overall_SU_R_free_Blow_DPI          ? 
# 
loop_
_refine_ls_restr.pdbx_refine_id 
_refine_ls_restr.criterion 
_refine_ls_restr.dev_ideal 
_refine_ls_restr.dev_ideal_target 
_refine_ls_restr.number 
_refine_ls_restr.rejects 
_refine_ls_restr.type 
_refine_ls_restr.weight 
_refine_ls_restr.pdbx_restraint_function 
'ELECTRON MICROSCOPY' ? 0.008  ? 2394 ? f_bond_d           ? ? 
'ELECTRON MICROSCOPY' ? 0.575  ? 3108 ? f_angle_d          ? ? 
'ELECTRON MICROSCOPY' ? 30.829 ? 546  ? f_dihedral_angle_d ? ? 
'ELECTRON MICROSCOPY' ? 0.015  ? 168  ? f_chiral_restr     ? ? 
'ELECTRON MICROSCOPY' ? 0.002  ? 336  ? f_plane_restr      ? ? 
# 
_struct.entry_id                     8FOF 
_struct.title                        'Cryo-EM of BP-ffsy filaments' 
_struct.pdbx_model_details           ? 
_struct.pdbx_formula_weight          ? 
_struct.pdbx_formula_weight_method   ? 
_struct.pdbx_model_type_details      ? 
_struct.pdbx_CASP_flag               N 
# 
_struct_keywords.entry_id        8FOF 
_struct_keywords.text            
'transcytosis, hydrogel, peptides, nanofibers, spheroids, self-assembly peptide filament, PROTEIN FIBRIL' 
_struct_keywords.pdbx_keywords   'PROTEIN FIBRIL' 
# 
_struct_asym.id                            A 
_struct_asym.pdbx_blank_PDB_chainid_flag   N 
_struct_asym.pdbx_modified                 N 
_struct_asym.entity_id                     1 
_struct_asym.details                       ? 
# 
_struct_ref.id                         1 
_struct_ref.db_name                    PDB 
_struct_ref.db_code                    8FOF 
_struct_ref.pdbx_db_accession          8FOF 
_struct_ref.pdbx_db_isoform            ? 
_struct_ref.entity_id                  1 
_struct_ref.pdbx_seq_one_letter_code   ? 
_struct_ref.pdbx_align_begin           1 
# 
_struct_ref_seq.align_id                      1 
_struct_ref_seq.ref_id                        1 
_struct_ref_seq.pdbx_PDB_id_code              8FOF 
_struct_ref_seq.pdbx_strand_id                A 
_struct_ref_seq.seq_align_beg                 1 
_struct_ref_seq.pdbx_seq_align_beg_ins_code   ? 
_struct_ref_seq.seq_align_end                 5 
_struct_ref_seq.pdbx_seq_align_end_ins_code   ? 
_struct_ref_seq.pdbx_db_accession             8FOF 
_struct_ref_seq.db_align_beg                  1 
_struct_ref_seq.pdbx_db_align_beg_ins_code    ? 
_struct_ref_seq.db_align_end                  5 
_struct_ref_seq.pdbx_db_align_end_ins_code    ? 
_struct_ref_seq.pdbx_auth_seq_align_beg       1 
_struct_ref_seq.pdbx_auth_seq_align_end       5 
# 
loop_
_pdbx_struct_assembly.id 
_pdbx_struct_assembly.details 
_pdbx_struct_assembly.method_details 
_pdbx_struct_assembly.oligomeric_details 
_pdbx_struct_assembly.oligomeric_count 
1 'representative helical assembly' ? 42-meric  42 
2 'helical asymmetric unit'         ? monomeric 1  
# 
loop_
_pdbx_struct_assembly_gen.assembly_id 
_pdbx_struct_assembly_gen.oper_expression 
_pdbx_struct_assembly_gen.asym_id_list 
1 '(1-42)' A 
2 1        A 
# 
_pdbx_struct_assembly_auth_evidence.id                     1 
_pdbx_struct_assembly_auth_evidence.assembly_id            1 
_pdbx_struct_assembly_auth_evidence.experimental_support   microscopy 
_pdbx_struct_assembly_auth_evidence.details                ? 
# 
loop_
_pdbx_struct_oper_list.id 
_pdbx_struct_oper_list.type 
_pdbx_struct_oper_list.name 
_pdbx_struct_oper_list.symmetry_operation 
_pdbx_struct_oper_list.matrix[1][1] 
_pdbx_struct_oper_list.matrix[1][2] 
_pdbx_struct_oper_list.matrix[1][3] 
_pdbx_struct_oper_list.vector[1] 
_pdbx_struct_oper_list.matrix[2][1] 
_pdbx_struct_oper_list.matrix[2][2] 
_pdbx_struct_oper_list.matrix[2][3] 
_pdbx_struct_oper_list.vector[2] 
_pdbx_struct_oper_list.matrix[3][1] 
_pdbx_struct_oper_list.matrix[3][2] 
_pdbx_struct_oper_list.matrix[3][3] 
_pdbx_struct_oper_list.vector[3] 
1  'identity operation'         1_555 x,y,z 1.00000000  -0.00000000 -0.00000000 0.00000   -0.00000000 1.00000000  0.00000000  0.00000   -0.00000000 0.00000000  1.00000000 0.00000   
2  'helical symmetry operation' ?     ?     0.93437260  0.35045314  -0.06426810 -1.65408  -0.35627834 0.91713483  -0.17868793 -2.38653  -0.00367926 0.18985844  0.98180457 16.01608  
3  'helical symmetry operation' ?     ?     0.88585364  -0.46354301 -0.01978501 -13.86484 0.45341119  0.85587183  0.24880115  1.46679   -0.09839647 -0.22937217 0.96835252 6.93606   
4  'helical symmetry operation' ?     ?     0.26708875  -0.91453360 -0.30379466 -23.83939 0.84947916  0.07458146  0.52232354  -8.62110  -0.45502534 -0.39757391 0.79679779 0.21736   
5  'helical symmetry operation' ?     ?     -0.39784936 -0.62054599 -0.67575048 -22.30726 0.49647052  -0.76501003 0.41021565  -24.24130 -0.77151349 -0.17228618 0.61244138 -0.02653  
6  'helical symmetry operation' ?     ?     -0.54578268 0.16942364  -0.82061969 -9.74371  -0.30662993 -0.95179968 0.00742846  -32.29928 -0.77980712 0.25568090  0.57142635 4.83392   
7  'helical symmetry operation' ?     ?     -0.05141645 0.78629926  -0.61570297 4.03277   -0.87962476 -0.32758267 -0.34489170 -26.10541 -0.47288154 0.52385444  0.70849112 9.10507   
8  'helical symmetry operation' ?     ?     0.66653840  0.70760865  -0.23455761 8.17637   -0.73720727 0.57895100  -0.34834190 -11.04088 -0.11069201 0.40510077  0.90754661 7.59237   
9  'helical symmetry operation' ?     ?     0.66653840  -0.73720727 -0.11069201 -12.74886 0.70760865  0.57895100  0.40510077  -2.46920  -0.23455761 -0.34834190 0.90754661 -8.81860  
10 'helical symmetry operation' ?     ?     -0.05141645 -0.87962476 -0.47288154 -18.44999 0.78629926  -0.32758267 0.52385444  -16.49237 -0.61570297 -0.34489170 0.70849112 -12.97141 
11 'helical symmetry operation' ?     ?     -0.54578268 -0.30662993 -0.77980712 -11.45235 0.16942364  -0.95179968 0.25568090  -30.32757 -0.82061969 0.00742846  0.57142635 -10.51818 
12 'helical symmetry operation' ?     ?     -0.39784936 0.49647052  -0.77151349 3.13969   -0.62054599 -0.76501003 -0.17228618 -32.39209 -0.67575048 0.41021565  0.61244138 -5.11374  
13 'helical symmetry operation' ?     ?     0.26708875  0.84947916  -0.45502534 13.78958  -0.91453360 0.07458146  -0.39757391 -21.07255 -0.30379466 0.52232354  0.79679779 -2.91248  
14 'helical symmetry operation' ?     ?     0.88585364  0.45341119  -0.09839647 12.29964  -0.46354301 0.85587183  -0.22937217 -6.09139  -0.01978501 0.24880115  0.96835252 -7.35580  
15 'helical symmetry operation' ?     ?     -0.42088163 0.46212023  -0.78057948 -8.22651  -0.58824009 -0.79409198 -0.15294606 -30.89765 -0.69053097 0.39479588  0.60605561 15.03298  
16 'helical symmetry operation' ?     ?     0.22955756  0.84972940  -0.47461856 2.88178   -0.91811517 0.02719229  -0.39537891 -20.08870 -0.32305937 0.52651676  0.78639214 17.51706  
17 'helical symmetry operation' ?     ?     0.86560966  0.48805028  -0.11192295 2.04250   -0.49997899 0.83031054  -0.24618141 -4.96425  -0.02721816 0.26905614  0.96273981 13.40075  
18 'helical symmetry operation' ?     ?     0.94856284  -0.31658955 0.00031810  -9.21114  0.31202390  0.93505230  0.16828227  1.53068   -0.05357359 -0.15952710 0.98573887 4.59338   
19 'helical symmetry operation' ?     ?     0.40815806  -0.88268703 -0.23296007 -20.52530 0.83015414  0.25270419  0.49697528  -6.24011  -0.37980376 -0.39623722 0.83590975 -3.02254  
20 'helical symmetry operation' ?     ?     -0.29790111 -0.73077988 -0.61417900 -21.49493 0.61557598  -0.63880927 0.46150744  -21.83023 -0.72960352 -0.24059027 0.64015238 -4.57363  
21 'helical symmetry operation' ?     ?     -0.57160795 0.01047386  -0.82046013 -10.47638 -0.14997244 -0.98440825 0.09191779  -32.17061 -0.80670490 0.17558733  0.56426620 -0.32319  
22 'helical symmetry operation' ?     ?     -0.18114207 0.71325711  -0.67709031 4.02040   -0.81809728 -0.49138216 -0.29876364 -28.63851 -0.54580568 0.49980713  0.67252423 4.55177   
23 'helical symmetry operation' ?     ?     0.54278542  0.78233865  -0.30549900 10.53956  -0.82292179 0.42269292  -0.37964415 -14.36070 -0.16787833 0.45746715  0.87323566 4.34532   
24 'helical symmetry operation' ?     ?     0.98703421  0.15920865  -0.02041053 4.38198   -0.16035952 0.98362860  -0.08222075 -1.56517  0.00698639  0.08442767  0.99640519 -2.34471  
25 'helical symmetry operation' ?     ?     0.77534048  -0.62836438 -0.06328511 -8.41470  0.60842322  0.71633116  0.34159980  -1.22449  -0.16931622 -0.30336026 0.93771236 -11.42914 
26 'helical symmetry operation' ?     ?     0.08700238  -0.91333370 -0.39780898 -16.18976 0.83229449  -0.15280660 0.53285630  -13.76239 -0.54746353 -0.37745397 0.74686822 -16.79080 
27 'helical symmetry operation' ?     ?     -0.49498254 -0.45434121 -0.74065242 -11.53562 0.32164404  -0.88765633 0.32956172  -28.69491 -0.80717845 -0.07509910 0.58551087 -15.46558 
28 'helical symmetry operation' ?     ?     -0.47769456 0.35986385  -0.80143974 2.42823   -0.49102652 -0.86582746 -0.09610117 -33.50997 -0.72849201 0.34762118  0.59030402 -10.15293 
29 'helical symmetry operation' ?     ?     0.12422489  -0.91741354 -0.37804841 -26.70608 0.83967826  -0.10580718 0.53267748  -11.21717 -0.52868575 -0.38361084 0.75718829 3.70902   
30 'helical symmetry operation' ?     ?     -0.47769456 -0.49102652 -0.72849201 -22.69066 0.35986385  -0.86582746 0.34762118  -26.35831 -0.80143974 -0.09610117 0.59030402 4.71904   
31 'helical symmetry operation' ?     ?     -0.49498254 0.32164404  -0.80717845 -8.96387  -0.45434121 -0.88765633 -0.07509910 -31.87378 -0.74065242 0.32956172  0.58551087 9.96813   
32 'helical symmetry operation' ?     ?     0.08700238  0.83229449  -0.54746353 3.67056   -0.91333370 -0.15280660 -0.37745397 -23.22739 -0.39780898 0.53285630  0.74686822 13.43346  
33 'helical symmetry operation' ?     ?     0.77534048  0.60842322  -0.16931622 5.33413   -0.62836438 0.71633116  -0.30336026 -7.87751  -0.06328511 0.34159980  0.93771236 10.60301  
34 'helical symmetry operation' ?     ?     0.98703421  -0.16035952 0.00698639  -4.55977  0.15920865  0.98362860  0.08442767  1.03987   -0.02041053 -0.08222075 0.99640519 2.29704   
35 'helical symmetry operation' ?     ?     0.54278542  -0.82292179 -0.16787833 -16.80897 0.78233865  0.42269292  0.45746715  -4.16319  -0.30549900 -0.37964415 0.87323566 -6.02662  
36 'helical symmetry operation' ?     ?     -0.18114207 -0.81809728 -0.54580568 -20.21645 0.71325711  -0.49138216 0.49980713  -19.21505 -0.67709031 -0.29876364 0.67252423 -8.89515  
37 'helical symmetry operation' ?     ?     -0.57160795 -0.14997244 -0.80670490 -11.07381 0.01047386  -0.98440825 0.17558733  -31.50254 -0.82046013 0.09191779  0.56426620 -5.45603  
38 'helical symmetry operation' ?     ?     -0.29790111 0.61557598  -0.72960352 3.69786   -0.73077988 -0.63880927 -0.24059027 -30.75378 -0.61417900 0.46150744  0.64015238 -0.19910  
39 'helical symmetry operation' ?     ?     0.40815806  0.83015414  -0.37980376 12.40985  -0.88268703 0.25270419  -0.39623722 -17.73816 -0.23296007 0.49697528  0.83590975 0.84618   
40 'helical symmetry operation' ?     ?     0.94856284  0.31202390  -0.05357359 8.50582   -0.31658955 0.93505230  -0.15952710 -3.61464  0.00031810  0.16828227  0.98573887 -4.78252  
41 'helical symmetry operation' ?     ?     0.86560966  -0.49997899 -0.02721816 -3.88528  0.48805028  0.83031054  0.26905614  -0.48053  -0.11192295 -0.24618141 0.96273981 -13.89494 
42 'helical symmetry operation' ?     ?     0.22955756  -0.91811517 -0.32305937 -13.44623 0.84972940  0.02719229  0.52651676  -11.12551 -0.47461856 -0.39537891 0.78639214 -20.35018  
# 
loop_
_struct_conn.id 
_struct_conn.conn_type_id 
_struct_conn.pdbx_leaving_atom_flag 
_struct_conn.pdbx_PDB_id 
_struct_conn.ptnr1_label_asym_id 
_struct_conn.ptnr1_label_comp_id 
_struct_conn.ptnr1_label_seq_id 
_struct_conn.ptnr1_label_atom_id 
_struct_conn.pdbx_ptnr1_label_alt_id 
_struct_conn.pdbx_ptnr1_PDB_ins_code 
_struct_conn.pdbx_ptnr1_standard_comp_id 
_struct_conn.ptnr1_symmetry 
_struct_conn.ptnr2_label_asym_id 
_struct_conn.ptnr2_label_comp_id 
_struct_conn.ptnr2_label_seq_id 
_struct_conn.ptnr2_label_atom_id 
_struct_conn.pdbx_ptnr2_label_alt_id 
_struct_conn.pdbx_ptnr2_PDB_ins_code 
_struct_conn.ptnr1_auth_asym_id 
_struct_conn.ptnr1_auth_comp_id 
_struct_conn.ptnr1_auth_seq_id 
_struct_conn.ptnr2_auth_asym_id 
_struct_conn.ptnr2_auth_comp_id 
_struct_conn.ptnr2_auth_seq_id 
_struct_conn.ptnr2_symmetry 
_struct_conn.pdbx_ptnr3_label_atom_id 
_struct_conn.pdbx_ptnr3_label_seq_id 
_struct_conn.pdbx_ptnr3_label_comp_id 
_struct_conn.pdbx_ptnr3_label_asym_id 
_struct_conn.pdbx_ptnr3_label_alt_id 
_struct_conn.pdbx_ptnr3_PDB_ins_code 
_struct_conn.details 
_struct_conn.pdbx_dist_value 
_struct_conn.pdbx_value_order 
_struct_conn.pdbx_role 
covale1 covale both ? A Z7Z 1 C1 ? ? ? 1_555 A DPN 2 N ? ? A Z7Z 1 A DPN 2 1_555 ? ? ? ? ? ? ? 1.428 ? ? 
covale2 covale both ? A DPN 2 C  ? ? ? 1_555 A DPN 3 N ? ? A DPN 2 A DPN 3 1_555 ? ? ? ? ? ? ? 1.328 ? ? 
covale3 covale both ? A DPN 3 C  ? ? ? 1_555 A DSN 4 N ? ? A DPN 3 A DSN 4 1_555 ? ? ? ? ? ? ? 1.329 ? ? 
covale4 covale both ? A DSN 4 C  ? ? ? 1_555 A DTY 5 N ? ? A DSN 4 A DTY 5 1_555 ? ? ? ? ? ? ? 1.325 ? ? 
# 
_struct_conn_type.id          covale 
_struct_conn_type.criteria    ? 
_struct_conn_type.reference   ? 
# 
_pdbx_modification_feature.ordinal                            1 
_pdbx_modification_feature.label_comp_id                      Z7Z 
_pdbx_modification_feature.label_asym_id                      A 
_pdbx_modification_feature.label_seq_id                       1 
_pdbx_modification_feature.label_alt_id                       ? 
_pdbx_modification_feature.modified_residue_label_comp_id     . 
_pdbx_modification_feature.modified_residue_label_asym_id     . 
_pdbx_modification_feature.modified_residue_label_seq_id      . 
_pdbx_modification_feature.modified_residue_label_alt_id      . 
_pdbx_modification_feature.auth_comp_id                       Z7Z 
_pdbx_modification_feature.auth_asym_id                       A 
_pdbx_modification_feature.auth_seq_id                        1 
_pdbx_modification_feature.PDB_ins_code                       ? 
_pdbx_modification_feature.symmetry                           1_555 
_pdbx_modification_feature.modified_residue_auth_comp_id      . 
_pdbx_modification_feature.modified_residue_auth_asym_id      . 
_pdbx_modification_feature.modified_residue_auth_seq_id       . 
_pdbx_modification_feature.modified_residue_PDB_ins_code      . 
_pdbx_modification_feature.modified_residue_symmetry          . 
_pdbx_modification_feature.comp_id_linking_atom               . 
_pdbx_modification_feature.modified_residue_id_linking_atom   . 
_pdbx_modification_feature.modified_residue_id                ? 
_pdbx_modification_feature.ref_pcm_id                         1 
_pdbx_modification_feature.ref_comp_id                        Z7Z 
_pdbx_modification_feature.type                               None 
_pdbx_modification_feature.category                           'Non-standard residue' 
# 
_pdbx_entry_details.entry_id                   8FOF 
_pdbx_entry_details.has_ligand_of_interest     N 
_pdbx_entry_details.compound_details           ? 
_pdbx_entry_details.source_details             ? 
_pdbx_entry_details.nonpolymer_details         ? 
_pdbx_entry_details.sequence_details           ? 
_pdbx_entry_details.has_protein_modification   Y 
# 
_pdbx_validate_close_contact.id               1 
_pdbx_validate_close_contact.PDB_model_num    1 
_pdbx_validate_close_contact.auth_atom_id_1   O2 
_pdbx_validate_close_contact.auth_asym_id_1   A 
_pdbx_validate_close_contact.auth_comp_id_1   Z7Z 
_pdbx_validate_close_contact.auth_seq_id_1    1 
_pdbx_validate_close_contact.PDB_ins_code_1   ? 
_pdbx_validate_close_contact.label_alt_id_1   ? 
_pdbx_validate_close_contact.auth_atom_id_2   N 
_pdbx_validate_close_contact.auth_asym_id_2   A 
_pdbx_validate_close_contact.auth_comp_id_2   DPN 
_pdbx_validate_close_contact.auth_seq_id_2    2 
_pdbx_validate_close_contact.PDB_ins_code_2   ? 
_pdbx_validate_close_contact.label_alt_id_2   ? 
_pdbx_validate_close_contact.dist             1.75 
# 
_pdbx_helical_symmetry.entry_id                  8FOF 
_pdbx_helical_symmetry.number_of_operations      14 
_pdbx_helical_symmetry.rotation_per_n_subunits   -54.79 
_pdbx_helical_symmetry.rise_per_n_subunits       2.11 
_pdbx_helical_symmetry.n_subunits_divisor        1 
_pdbx_helical_symmetry.dyad_axis                 no 
_pdbx_helical_symmetry.circular_symmetry         3 
# 
_em_3d_fitting.id                1 
_em_3d_fitting.entry_id          8FOF 
_em_3d_fitting.method            ? 
_em_3d_fitting.target_criteria   ? 
_em_3d_fitting.details           ? 
_em_3d_fitting.overall_b_value   ? 
_em_3d_fitting.ref_space         ? 
_em_3d_fitting.ref_protocol      ? 
# 
_em_3d_reconstruction.entry_id                    8FOF 
_em_3d_reconstruction.id                          1 
_em_3d_reconstruction.method                      ? 
_em_3d_reconstruction.algorithm                   ? 
_em_3d_reconstruction.citation_id                 ? 
_em_3d_reconstruction.details                     ? 
_em_3d_reconstruction.resolution                  2.6 
_em_3d_reconstruction.resolution_method           'FSC 0.143 CUT-OFF' 
_em_3d_reconstruction.magnification_calibration   ? 
_em_3d_reconstruction.nominal_pixel_size          ? 
_em_3d_reconstruction.actual_pixel_size           ? 
_em_3d_reconstruction.num_particles               757253 
_em_3d_reconstruction.euler_angles_details        ? 
_em_3d_reconstruction.num_class_averages          ? 
_em_3d_reconstruction.refinement_type             ? 
_em_3d_reconstruction.image_processing_id         1 
_em_3d_reconstruction.symmetry_type               HELICAL 
# 
_em_buffer.id            1 
_em_buffer.specimen_id   1 
_em_buffer.name          ? 
_em_buffer.details       ? 
_em_buffer.pH            7.4 
# 
_em_entity_assembly.id                   1 
_em_entity_assembly.parent_id            0 
_em_entity_assembly.source               NATURAL 
_em_entity_assembly.type                 COMPLEX 
_em_entity_assembly.name                 BP-ffsy 
_em_entity_assembly.details              ? 
_em_entity_assembly.synonym              ? 
_em_entity_assembly.oligomeric_details   ? 
_em_entity_assembly.entity_id_list       1 
# 
_em_imaging.entry_id                        8FOF 
_em_imaging.id                              1 
_em_imaging.astigmatism                     ? 
_em_imaging.electron_beam_tilt_params       ? 
_em_imaging.residual_tilt                   ? 
_em_imaging.microscope_model                'FEI TITAN KRIOS' 
_em_imaging.specimen_holder_type            ? 
_em_imaging.specimen_holder_model           ? 
_em_imaging.details                         ? 
_em_imaging.date                            ? 
_em_imaging.accelerating_voltage            300 
_em_imaging.illumination_mode               'FLOOD BEAM' 
_em_imaging.mode                            'BRIGHT FIELD' 
_em_imaging.nominal_cs                      ? 
_em_imaging.nominal_defocus_min             1000 
_em_imaging.nominal_defocus_max             2000 
_em_imaging.calibrated_defocus_min          ? 
_em_imaging.calibrated_defocus_max          ? 
_em_imaging.tilt_angle_min                  ? 
_em_imaging.tilt_angle_max                  ? 
_em_imaging.nominal_magnification           ? 
_em_imaging.calibrated_magnification        ? 
_em_imaging.electron_source                 'FIELD EMISSION GUN' 
_em_imaging.citation_id                     ? 
_em_imaging.temperature                     ? 
_em_imaging.detector_distance               ? 
_em_imaging.recording_temperature_minimum   ? 
_em_imaging.recording_temperature_maximum   ? 
_em_imaging.alignment_procedure             ? 
_em_imaging.c2_aperture_diameter            ? 
_em_imaging.specimen_id                     1 
_em_imaging.cryogen                         ? 
# 
_em_vitrification.entry_id              8FOF 
_em_vitrification.id                    1 
_em_vitrification.specimen_id           1 
_em_vitrification.cryogen_name          ETHANE 
_em_vitrification.humidity              ? 
_em_vitrification.temp                  ? 
_em_vitrification.chamber_temperature   ? 
_em_vitrification.instrument            ? 
_em_vitrification.method                ? 
_em_vitrification.time_resolved_state   ? 
_em_vitrification.citation_id           ? 
_em_vitrification.details               ? 
# 
_em_experiment.entry_id                8FOF 
_em_experiment.id                      1 
_em_experiment.reconstruction_method   HELICAL 
_em_experiment.aggregation_state       FILAMENT 
_em_experiment.entity_assembly_id      1 
# 
loop_
_chem_comp_atom.comp_id 
_chem_comp_atom.atom_id 
_chem_comp_atom.type_symbol 
_chem_comp_atom.pdbx_aromatic_flag 
_chem_comp_atom.pdbx_stereo_config 
_chem_comp_atom.pdbx_ordinal 
DPN N    N N N 1  
DPN CA   C N R 2  
DPN C    C N N 3  
DPN O    O N N 4  
DPN OXT  O N N 5  
DPN CB   C N N 6  
DPN CG   C Y N 7  
DPN CD1  C Y N 8  
DPN CD2  C Y N 9  
DPN CE1  C Y N 10 
DPN CE2  C Y N 11 
DPN CZ   C Y N 12 
DPN H    H N N 13 
DPN H2   H N N 14 
DPN HA   H N N 15 
DPN HXT  H N N 16 
DPN HB2  H N N 17 
DPN HB3  H N N 18 
DPN HD1  H N N 19 
DPN HD2  H N N 20 
DPN HE1  H N N 21 
DPN HE2  H N N 22 
DPN HZ   H N N 23 
DSN N    N N N 24 
DSN CA   C N R 25 
DSN C    C N N 26 
DSN O    O N N 27 
DSN OXT  O N N 28 
DSN CB   C N N 29 
DSN OG   O N N 30 
DSN H    H N N 31 
DSN H2   H N N 32 
DSN HA   H N N 33 
DSN HXT  H N N 34 
DSN HB2  H N N 35 
DSN HB3  H N N 36 
DSN HG   H N N 37 
DTY N    N N N 38 
DTY CA   C N R 39 
DTY C    C N N 40 
DTY O    O N N 41 
DTY CB   C N N 42 
DTY CG   C Y N 43 
DTY CD1  C Y N 44 
DTY CD2  C Y N 45 
DTY CE1  C Y N 46 
DTY CE2  C Y N 47 
DTY CZ   C Y N 48 
DTY OH   O N N 49 
DTY OXT  O N N 50 
DTY H    H N N 51 
DTY H2   H N N 52 
DTY HA   H N N 53 
DTY HB2  H N N 54 
DTY HB3  H N N 55 
DTY HD1  H N N 56 
DTY HD2  H N N 57 
DTY HE1  H N N 58 
DTY HE2  H N N 59 
DTY HH   H N N 60 
DTY HXT  H N N 61 
Z7Z O1   O N N 62 
Z7Z C1   C N N 63 
Z7Z O2   O N N 64 
Z7Z C2   C Y N 65 
Z7Z C3   C Y N 66 
Z7Z C4   C Y N 67 
Z7Z C5   C Y N 68 
Z7Z C6   C Y N 69 
Z7Z C7   C Y N 70 
Z7Z C8   C Y N 71 
Z7Z C9   C Y N 72 
Z7Z C10  C Y N 73 
Z7Z C11  C Y N 74 
Z7Z C12  C Y N 75 
Z7Z C13  C Y N 76 
Z7Z H1O  H N N 77 
Z7Z H31  H N N 78 
Z7Z H41  H N N 79 
Z7Z H51  H N N 80 
Z7Z H61  H N N 81 
Z7Z H91  H N N 82 
Z7Z H101 H N N 83 
Z7Z H111 H N N 84 
Z7Z H121 H N N 85 
Z7Z H131 H N N 86 
# 
loop_
_chem_comp_bond.comp_id 
_chem_comp_bond.atom_id_1 
_chem_comp_bond.atom_id_2 
_chem_comp_bond.value_order 
_chem_comp_bond.pdbx_aromatic_flag 
_chem_comp_bond.pdbx_stereo_config 
_chem_comp_bond.pdbx_ordinal 
DPN N   CA   sing N N 1  
DPN N   H    sing N N 2  
DPN N   H2   sing N N 3  
DPN CA  C    sing N N 4  
DPN CA  CB   sing N N 5  
DPN CA  HA   sing N N 6  
DPN C   O    doub N N 7  
DPN C   OXT  sing N N 8  
DPN OXT HXT  sing N N 9  
DPN CB  CG   sing N N 10 
DPN CB  HB2  sing N N 11 
DPN CB  HB3  sing N N 12 
DPN CG  CD1  doub Y N 13 
DPN CG  CD2  sing Y N 14 
DPN CD1 CE1  sing Y N 15 
DPN CD1 HD1  sing N N 16 
DPN CD2 CE2  doub Y N 17 
DPN CD2 HD2  sing N N 18 
DPN CE1 CZ   doub Y N 19 
DPN CE1 HE1  sing N N 20 
DPN CE2 CZ   sing Y N 21 
DPN CE2 HE2  sing N N 22 
DPN CZ  HZ   sing N N 23 
DSN N   CA   sing N N 24 
DSN N   H    sing N N 25 
DSN N   H2   sing N N 26 
DSN CA  C    sing N N 27 
DSN CA  CB   sing N N 28 
DSN CA  HA   sing N N 29 
DSN C   O    doub N N 30 
DSN C   OXT  sing N N 31 
DSN OXT HXT  sing N N 32 
DSN CB  OG   sing N N 33 
DSN CB  HB2  sing N N 34 
DSN CB  HB3  sing N N 35 
DSN OG  HG   sing N N 36 
DTY N   CA   sing N N 37 
DTY N   H    sing N N 38 
DTY N   H2   sing N N 39 
DTY CA  C    sing N N 40 
DTY CA  CB   sing N N 41 
DTY CA  HA   sing N N 42 
DTY C   O    doub N N 43 
DTY C   OXT  sing N N 44 
DTY CB  CG   sing N N 45 
DTY CB  HB2  sing N N 46 
DTY CB  HB3  sing N N 47 
DTY CG  CD1  doub Y N 48 
DTY CG  CD2  sing Y N 49 
DTY CD1 CE1  sing Y N 50 
DTY CD1 HD1  sing N N 51 
DTY CD2 CE2  doub Y N 52 
DTY CD2 HD2  sing N N 53 
DTY CE1 CZ   doub Y N 54 
DTY CE1 HE1  sing N N 55 
DTY CE2 CZ   sing Y N 56 
DTY CE2 HE2  sing N N 57 
DTY CZ  OH   sing N N 58 
DTY OH  HH   sing N N 59 
DTY OXT HXT  sing N N 60 
Z7Z O1  C1   sing N N 61 
Z7Z O1  H1O  sing N N 62 
Z7Z C1  O2   doub N N 63 
Z7Z C1  C2   sing N N 64 
Z7Z C2  C3   doub Y N 65 
Z7Z C2  C5   sing Y N 66 
Z7Z C3  C4   sing Y N 67 
Z7Z C3  H31  sing N N 68 
Z7Z C4  C7   doub Y N 69 
Z7Z C4  H41  sing N N 70 
Z7Z C5  C6   doub Y N 71 
Z7Z C5  H51  sing N N 72 
Z7Z C6  C7   sing Y N 73 
Z7Z C6  H61  sing N N 74 
Z7Z C7  C8   sing N N 75 
Z7Z C8  C9   doub Y N 76 
Z7Z C8  C10  sing Y N 77 
Z7Z C9  C11  sing Y N 78 
Z7Z C9  H91  sing N N 79 
Z7Z C10 C12  doub Y N 80 
Z7Z C10 H101 sing N N 81 
Z7Z C11 C13  doub Y N 82 
Z7Z C11 H111 sing N N 83 
Z7Z C12 C13  sing Y N 84 
Z7Z C12 H121 sing N N 85 
Z7Z C13 H131 sing N N 86 
# 
_em_admin.current_status     REL 
_em_admin.deposition_date    2022-12-30 
_em_admin.deposition_site    RCSB 
_em_admin.entry_id           8FOF 
_em_admin.last_update        2025-05-21 
_em_admin.map_release_date   2023-05-31 
_em_admin.title              'Cryo-EM of BP-ffsy filaments' 
# 
_em_ctf_correction.details                  ? 
_em_ctf_correction.em_image_processing_id   1 
_em_ctf_correction.id                       1 
_em_ctf_correction.type                     'PHASE FLIPPING AND AMPLITUDE CORRECTION' 
# 
_em_entity_assembly_naturalsource.cell                 ? 
_em_entity_assembly_naturalsource.cellular_location    ? 
_em_entity_assembly_naturalsource.entity_assembly_id   1 
_em_entity_assembly_naturalsource.id                   2 
_em_entity_assembly_naturalsource.ncbi_tax_id          32630 
_em_entity_assembly_naturalsource.organism             'synthetic construct' 
_em_entity_assembly_naturalsource.organelle            ? 
_em_entity_assembly_naturalsource.organ                ? 
_em_entity_assembly_naturalsource.strain               ? 
_em_entity_assembly_naturalsource.tissue               ? 
# 
_em_helical_entity.id                             1 
_em_helical_entity.image_processing_id            1 
_em_helical_entity.details                        ? 
_em_helical_entity.axial_symmetry                 C3 
_em_helical_entity.angular_rotation_per_subunit   -54.79 
_em_helical_entity.axial_rise_per_subunit         2.11 
# 
_em_image_processing.details              ? 
_em_image_processing.id                   1 
_em_image_processing.image_recording_id   1 
# 
_em_image_recording.average_exposure_time               ? 
_em_image_recording.avg_electron_dose_per_subtomogram   ? 
_em_image_recording.avg_electron_dose_per_image         50 
_em_image_recording.details                             ? 
_em_image_recording.detector_mode                       ? 
_em_image_recording.film_or_detector_model              'GATAN K3 (6k x 4k)' 
_em_image_recording.id                                  1 
_em_image_recording.imaging_id                          1 
_em_image_recording.num_diffraction_images              ? 
_em_image_recording.num_grids_imaged                    ? 
_em_image_recording.num_real_images                     ? 
# 
loop_
_em_software.category 
_em_software.details 
_em_software.id 
_em_software.image_processing_id 
_em_software.fitting_id 
_em_software.imaging_id 
_em_software.name 
_em_software.version 
'PARTICLE SELECTION'       ? 1  1 ? ? ?      ? 
'IMAGE ACQUISITION'        ? 2  ? ? 1 ?      ? 
MASKING                    ? 3  ? ? ? ?      ? 
'CTF CORRECTION'           ? 4  1 ? ? ?      ? 
'LAYERLINE INDEXING'       ? 5  ? ? ? ?      ? 
'DIFFRACTION INDEXING'     ? 6  ? ? ? ?      ? 
'MODEL FITTING'            ? 7  ? ? ? ?      ? 
'MODEL REFINEMENT'         ? 8  ? ? ? PHENIX ? 
OTHER                      ? 9  ? ? ? ?      ? 
'INITIAL EULER ASSIGNMENT' ? 10 1 ? ? ?      ? 
'FINAL EULER ASSIGNMENT'   ? 11 1 ? ? ?      ? 
CLASSIFICATION             ? 12 1 ? ? ?      ? 
RECONSTRUCTION             ? 13 1 ? ? ?      ? 
# 
_em_specimen.concentration           ? 
_em_specimen.details                 ? 
_em_specimen.embedding_applied       NO 
_em_specimen.experiment_id           1 
_em_specimen.id                      1 
_em_specimen.shadowing_applied       NO 
_em_specimen.staining_applied        NO 
_em_specimen.vitrification_applied   YES 
# 
loop_
_pdbx_audit_support.funding_organization 
_pdbx_audit_support.country 
_pdbx_audit_support.grant_number 
_pdbx_audit_support.ordinal 
'National Institutes of Health/National Institute of General Medical Sciences (NIH/NIGMS)' 'United States' GM122510    1 
'National Institutes of Health/National Institute of General Medical Sciences (NIH/NIGMS)' 'United States' GM138756    2 
'National Institutes of Health/National Cancer Institute (NIH/NCI)'                        'United States' CA142746    3 
'National Science Foundation (NSF, United States)'                                         'United States' DMR-2011846 4 
# 
_atom_sites.entry_id                    8FOF 
_atom_sites.Cartn_transf_matrix[1][1]   ? 
_atom_sites.Cartn_transf_matrix[1][2]   ? 
_atom_sites.Cartn_transf_matrix[1][3]   ? 
_atom_sites.Cartn_transf_matrix[2][1]   ? 
_atom_sites.Cartn_transf_matrix[2][2]   ? 
_atom_sites.Cartn_transf_matrix[2][3]   ? 
_atom_sites.Cartn_transf_matrix[3][1]   ? 
_atom_sites.Cartn_transf_matrix[3][2]   ? 
_atom_sites.Cartn_transf_matrix[3][3]   ? 
_atom_sites.Cartn_transf_vector[1]      ? 
_atom_sites.Cartn_transf_vector[2]      ? 
_atom_sites.Cartn_transf_vector[3]      ? 
_atom_sites.fract_transf_matrix[1][1]   1.000000 
_atom_sites.fract_transf_matrix[1][2]   0.000000 
_atom_sites.fract_transf_matrix[1][3]   0.000000 
_atom_sites.fract_transf_matrix[2][1]   0.000000 
_atom_sites.fract_transf_matrix[2][2]   1.000000 
_atom_sites.fract_transf_matrix[2][3]   0.000000 
_atom_sites.fract_transf_matrix[3][1]   0.000000 
_atom_sites.fract_transf_matrix[3][2]   0.000000 
_atom_sites.fract_transf_matrix[3][3]   1.000000 
_atom_sites.fract_transf_vector[1]      0.00000 
_atom_sites.fract_transf_vector[2]      0.00000 
_atom_sites.fract_transf_vector[3]      0.00000 
_atom_sites.solution_primary            ? 
_atom_sites.solution_secondary          ? 
_atom_sites.solution_hydrogens          ? 
_atom_sites.special_details             ? 
# 
loop_
_atom_type.symbol 
C 
N 
O 
# 
loop_
_atom_site.group_PDB 
_atom_site.id 
_atom_site.type_symbol 
_atom_site.label_atom_id 
_atom_site.label_alt_id 
_atom_site.label_comp_id 
_atom_site.label_asym_id 
_atom_site.label_entity_id 
_atom_site.label_seq_id 
_atom_site.pdbx_PDB_ins_code 
_atom_site.Cartn_x 
_atom_site.Cartn_y 
_atom_site.Cartn_z 
_atom_site.occupancy 
_atom_site.B_iso_or_equiv 
_atom_site.pdbx_formal_charge 
_atom_site.auth_seq_id 
_atom_site.auth_comp_id 
_atom_site.auth_asym_id 
_atom_site.auth_atom_id 
_atom_site.pdbx_PDB_model_num 
HETATM 1  C C1  . Z7Z A 1 1 ? -3.724 -3.927  -4.182 1.00 42.48 ? 1 Z7Z A C1  1 
HETATM 2  O O2  . Z7Z A 1 1 ? -4.431 -3.017  -4.664 1.00 42.48 ? 1 Z7Z A O2  1 
HETATM 3  C C2  . Z7Z A 1 1 ? -3.816 -5.340  -4.731 1.00 42.48 ? 1 Z7Z A C2  1 
HETATM 4  C C3  . Z7Z A 1 1 ? -2.741 -6.191  -4.598 1.00 42.48 ? 1 Z7Z A C3  1 
HETATM 5  C C4  . Z7Z A 1 1 ? -2.813 -7.479  -5.086 1.00 42.48 ? 1 Z7Z A C4  1 
HETATM 6  C C5  . Z7Z A 1 1 ? -4.965 -5.775  -5.357 1.00 42.48 ? 1 Z7Z A C5  1 
HETATM 7  C C6  . Z7Z A 1 1 ? -5.036 -7.065  -5.844 1.00 42.48 ? 1 Z7Z A C6  1 
HETATM 8  C C7  . Z7Z A 1 1 ? -3.957 -7.913  -5.714 1.00 42.48 ? 1 Z7Z A C7  1 
HETATM 9  C C8  . Z7Z A 1 1 ? -4.028 -9.340  -6.242 1.00 42.48 ? 1 Z7Z A C8  1 
HETATM 10 C C9  . Z7Z A 1 1 ? -2.918 -10.156 -6.155 1.00 42.48 ? 1 Z7Z A C9  1 
HETATM 11 C C10 . Z7Z A 1 1 ? -5.200 -9.821  -6.784 1.00 42.48 ? 1 Z7Z A C10 1 
HETATM 12 C C11 . Z7Z A 1 1 ? -2.980 -11.454 -6.622 1.00 42.48 ? 1 Z7Z A C11 1 
HETATM 13 C C12 . Z7Z A 1 1 ? -5.260 -11.119 -7.250 1.00 42.48 ? 1 Z7Z A C12 1 
HETATM 14 C C13 . Z7Z A 1 1 ? -4.151 -11.935 -7.169 1.00 42.48 ? 1 Z7Z A C13 1 
HETATM 15 N N   . DPN A 1 2 ? -2.706 -2.942  -4.363 1.00 41.37 ? 2 DPN A N   1 
HETATM 16 C CA  . DPN A 1 2 ? -2.524 -1.658  -3.709 1.00 41.37 ? 2 DPN A CA  1 
HETATM 17 C C   . DPN A 1 2 ? -1.391 -1.739  -2.702 1.00 41.37 ? 2 DPN A C   1 
HETATM 18 O O   . DPN A 1 2 ? -0.243 -1.932  -3.077 1.00 41.37 ? 2 DPN A O   1 
HETATM 19 C CB  . DPN A 1 2 ? -2.241 -0.571  -4.739 1.00 41.37 ? 2 DPN A CB  1 
HETATM 20 C CG  . DPN A 1 2 ? -2.354 0.815   -4.195 1.00 41.37 ? 2 DPN A CG  1 
HETATM 21 C CD1 . DPN A 1 2 ? -3.525 1.524   -4.332 1.00 41.37 ? 2 DPN A CD1 1 
HETATM 22 C CD2 . DPN A 1 2 ? -1.298 1.403   -3.537 1.00 41.37 ? 2 DPN A CD2 1 
HETATM 23 C CE1 . DPN A 1 2 ? -3.633 2.795   -3.829 1.00 41.37 ? 2 DPN A CE1 1 
HETATM 24 C CE2 . DPN A 1 2 ? -1.407 2.673   -3.031 1.00 41.37 ? 2 DPN A CE2 1 
HETATM 25 C CZ  . DPN A 1 2 ? -2.574 3.367   -3.176 1.00 41.37 ? 2 DPN A CZ  1 
HETATM 26 N N   . DPN A 1 3 ? -1.715 -1.590  -1.423 1.00 40.97 ? 3 DPN A N   1 
HETATM 27 C CA  . DPN A 1 3 ? -0.739 -1.675  -0.342 1.00 40.97 ? 3 DPN A CA  1 
HETATM 28 C C   . DPN A 1 3 ? -0.452 -0.270  0.165  1.00 40.97 ? 3 DPN A C   1 
HETATM 29 O O   . DPN A 1 3 ? -1.315 0.365   0.773  1.00 40.97 ? 3 DPN A O   1 
HETATM 30 C CB  . DPN A 1 3 ? -1.248 -2.577  0.778  1.00 40.97 ? 3 DPN A CB  1 
HETATM 31 C CG  . DPN A 1 3 ? -1.501 -3.985  0.343  1.00 40.97 ? 3 DPN A CG  1 
HETATM 32 C CD1 . DPN A 1 3 ? -0.565 -4.967  0.570  1.00 40.97 ? 3 DPN A CD1 1 
HETATM 33 C CD2 . DPN A 1 3 ? -2.672 -4.326  -0.296 1.00 40.97 ? 3 DPN A CD2 1 
HETATM 34 C CE1 . DPN A 1 3 ? -0.793 -6.258  0.166  1.00 40.97 ? 3 DPN A CE1 1 
HETATM 35 C CE2 . DPN A 1 3 ? -2.901 -5.616  -0.699 1.00 40.97 ? 3 DPN A CE2 1 
HETATM 36 C CZ  . DPN A 1 3 ? -1.961 -6.582  -0.468 1.00 40.97 ? 3 DPN A CZ  1 
HETATM 37 N N   . DSN A 1 4 ? 0.763  0.208   -0.083 1.00 41.20 ? 4 DSN A N   1 
HETATM 38 C CA  . DSN A 1 4 ? 1.135  1.590   0.200  1.00 41.20 ? 4 DSN A CA  1 
HETATM 39 C C   . DSN A 1 4 ? 2.032  1.615   1.432  1.00 41.20 ? 4 DSN A C   1 
HETATM 40 O O   . DSN A 1 4 ? 3.257  1.577   1.351  1.00 41.20 ? 4 DSN A O   1 
HETATM 41 C CB  . DSN A 1 4 ? 1.817  2.209   -1.012 1.00 41.20 ? 4 DSN A CB  1 
HETATM 42 O OG  . DSN A 1 4 ? 2.250  3.524   -0.738 1.00 41.20 ? 4 DSN A OG  1 
HETATM 43 N N   . DTY A 1 5 ? 1.401  1.693   2.595  1.00 40.61 ? 5 DTY A N   1 
HETATM 44 C CA  . DTY A 1 5 ? 2.129  1.744   3.851  1.00 40.61 ? 5 DTY A CA  1 
HETATM 45 C C   . DTY A 1 5 ? 2.781  3.103   4.040  1.00 40.61 ? 5 DTY A C   1 
HETATM 46 O O   . DTY A 1 5 ? 2.195  4.134   3.710  1.00 30.00 ? 5 DTY A O   1 
HETATM 47 C CB  . DTY A 1 5 ? 1.199  1.440   5.021  1.00 40.61 ? 5 DTY A CB  1 
HETATM 48 C CG  . DTY A 1 5 ? 0.627  0.049   4.989  1.00 40.61 ? 5 DTY A CG  1 
HETATM 49 C CD1 . DTY A 1 5 ? 1.420  -1.050  5.250  1.00 40.61 ? 5 DTY A CD1 1 
HETATM 50 C CD2 . DTY A 1 5 ? -0.704 -0.165  4.685  1.00 40.61 ? 5 DTY A CD2 1 
HETATM 51 C CE1 . DTY A 1 5 ? 0.905  -2.319  5.220  1.00 40.61 ? 5 DTY A CE1 1 
HETATM 52 C CE2 . DTY A 1 5 ? -1.226 -1.430  4.652  1.00 40.61 ? 5 DTY A CE2 1 
HETATM 53 C CZ  . DTY A 1 5 ? -0.418 -2.503  4.920  1.00 40.61 ? 5 DTY A CZ  1 
HETATM 54 O OH  . DTY A 1 5 ? -0.934 -3.771  4.887  1.00 40.61 ? 5 DTY A OH  1 
HETATM 55 O OXT . DTY A 1 5 ? 3.906  3.197   4.524  1.00 40.61 ? 5 DTY A OXT 1 
# 
